data_8JYJ
#
_entry.id   8JYJ
#
_cell.length_a   61.836
_cell.length_b   61.836
_cell.length_c   83.624
_cell.angle_alpha   90.00
_cell.angle_beta   90.00
_cell.angle_gamma   90.00
#
_symmetry.space_group_name_H-M   'P 41 21 2'
#
loop_
_entity.id
_entity.type
_entity.pdbx_description
1 polymer 'Pol protein,Pol protein,HIV-1 Reverse Transcriptase RNase H active domain'
2 non-polymer 'MANGANESE (II) ION'
3 non-polymer '7-[5-(2-acetamidoethyl)-2-oxidanyl-phenyl]-3,5,6,8-tetrakis(oxidanyl)-9,10-bis(oxidanylidene)anthracene-1,2-dicarboxylic acid'
4 non-polymer 'ZINC ION'
5 water water
#
_entity_poly.entity_id   1
_entity_poly.type   'polypeptide(L)'
_entity_poly.pdbx_seq_one_letter_code
;GPGGSMYQLEKEPIVGAETFYVDGAANRETKLGKAGYVTNRGRQKVVTLTDTTNQKTELQAIYLALQDSGLEVNIVTDSQ
YALGIITQWIHNWKKRGWKTPVKNVDLVNQIIEQLIKKEKVYLAWVPAHKGIGGNEQVDKLVSAGIRKVLF
;
_entity_poly.pdbx_strand_id   A
#
loop_
_chem_comp.id
_chem_comp.type
_chem_comp.name
_chem_comp.formula
MN non-polymer 'MANGANESE (II) ION' 'Mn 2'
VA9 non-polymer '7-[5-(2-acetamidoethyl)-2-oxidanyl-phenyl]-3,5,6,8-tetrakis(oxidanyl)-9,10-bis(oxidanylidene)anthracene-1,2-dicarboxylic acid' 'C26 H19 N O12'
ZN non-polymer 'ZINC ION' 'Zn 2'
#
# COMPACT_ATOMS: atom_id res chain seq x y z
N MET A 6 -17.29 9.11 -4.43
CA MET A 6 -16.33 8.54 -5.37
C MET A 6 -16.24 7.03 -5.23
N TYR A 7 -16.20 6.56 -3.98
CA TYR A 7 -15.94 5.17 -3.67
C TYR A 7 -16.23 4.94 -2.19
N GLN A 8 -16.36 3.68 -1.80
CA GLN A 8 -16.39 3.30 -0.40
C GLN A 8 -15.85 1.88 -0.29
N LEU A 9 -14.82 1.71 0.52
CA LEU A 9 -14.16 0.43 0.68
C LEU A 9 -15.01 -0.52 1.51
N GLU A 10 -14.61 -1.79 1.53
CA GLU A 10 -15.32 -2.82 2.27
C GLU A 10 -14.84 -2.85 3.72
N LYS A 11 -15.77 -3.12 4.64
CA LYS A 11 -15.44 -3.26 6.04
C LYS A 11 -14.88 -4.64 6.38
N GLU A 12 -15.06 -5.61 5.49
CA GLU A 12 -14.54 -6.96 5.66
C GLU A 12 -13.91 -7.41 4.35
N PRO A 13 -12.90 -8.28 4.41
CA PRO A 13 -12.23 -8.71 3.17
C PRO A 13 -13.17 -9.46 2.24
N ILE A 14 -12.93 -9.29 0.95
CA ILE A 14 -13.75 -9.94 -0.08
C ILE A 14 -13.41 -11.42 -0.12
N VAL A 15 -14.41 -12.26 0.10
CA VAL A 15 -14.20 -13.71 0.11
C VAL A 15 -13.89 -14.18 -1.31
N GLY A 16 -12.81 -14.95 -1.44
CA GLY A 16 -12.38 -15.49 -2.71
C GLY A 16 -11.41 -14.63 -3.48
N ALA A 17 -11.35 -13.33 -3.22
CA ALA A 17 -10.47 -12.44 -3.95
C ALA A 17 -9.02 -12.61 -3.48
N GLU A 18 -8.10 -12.31 -4.39
CA GLU A 18 -6.67 -12.41 -4.07
C GLU A 18 -6.27 -11.33 -3.08
N THR A 19 -5.42 -11.70 -2.12
CA THR A 19 -4.96 -10.79 -1.09
C THR A 19 -3.52 -10.38 -1.38
N PHE A 20 -3.24 -9.08 -1.25
CA PHE A 20 -1.93 -8.52 -1.53
C PHE A 20 -1.33 -8.01 -0.23
N TYR A 21 -0.26 -8.67 0.23
CA TYR A 21 0.47 -8.23 1.42
C TYR A 21 1.55 -7.27 0.96
N VAL A 22 1.29 -5.97 1.08
CA VAL A 22 2.18 -4.93 0.58
C VAL A 22 3.07 -4.45 1.71
N ASP A 23 4.25 -3.95 1.34
CA ASP A 23 5.19 -3.40 2.30
C ASP A 23 6.21 -2.53 1.56
N GLY A 24 6.78 -1.59 2.29
CA GLY A 24 7.80 -0.71 1.74
C GLY A 24 8.80 -0.35 2.80
N ALA A 25 10.05 -0.14 2.37
CA ALA A 25 11.12 0.22 3.28
C ALA A 25 12.09 1.14 2.56
N ALA A 26 12.61 2.12 3.29
CA ALA A 26 13.57 3.07 2.74
C ALA A 26 14.60 3.42 3.81
N ASN A 27 15.76 3.87 3.36
CA ASN A 27 16.85 4.28 4.24
C ASN A 27 16.95 5.80 4.25
N ARG A 28 17.05 6.38 5.45
CA ARG A 28 17.07 7.83 5.57
C ARG A 28 18.37 8.43 5.04
N GLU A 29 19.48 7.70 5.15
CA GLU A 29 20.78 8.26 4.82
C GLU A 29 21.02 8.30 3.30
N THR A 30 20.53 7.30 2.58
CA THR A 30 20.76 7.21 1.14
C THR A 30 19.52 7.46 0.31
N LYS A 31 18.34 7.55 0.92
CA LYS A 31 17.05 7.71 0.25
C LYS A 31 16.73 6.56 -0.70
N LEU A 32 17.47 5.46 -0.64
CA LEU A 32 17.15 4.27 -1.41
C LEU A 32 16.04 3.49 -0.73
N GLY A 33 15.18 2.87 -1.54
CA GLY A 33 14.04 2.17 -0.99
C GLY A 33 13.61 1.00 -1.86
N LYS A 34 12.68 0.22 -1.31
CA LYS A 34 12.11 -0.93 -2.01
C LYS A 34 10.63 -1.02 -1.66
N ALA A 35 9.81 -1.34 -2.67
CA ALA A 35 8.38 -1.50 -2.49
C ALA A 35 7.91 -2.72 -3.27
N GLY A 36 7.03 -3.50 -2.67
CA GLY A 36 6.54 -4.69 -3.34
C GLY A 36 5.39 -5.33 -2.60
N TYR A 37 5.08 -6.55 -3.01
CA TYR A 37 3.96 -7.28 -2.43
C TYR A 37 4.19 -8.78 -2.58
N VAL A 38 3.49 -9.54 -1.75
CA VAL A 38 3.36 -10.98 -1.91
C VAL A 38 1.88 -11.33 -1.78
N THR A 39 1.42 -12.27 -2.60
CA THR A 39 0.01 -12.64 -2.63
C THR A 39 -0.18 -14.07 -2.18
N ASN A 40 -1.41 -14.39 -1.77
CA ASN A 40 -1.78 -15.73 -1.34
C ASN A 40 -2.08 -16.66 -2.51
N ARG A 41 -1.77 -16.24 -3.75
CA ARG A 41 -1.96 -17.07 -4.93
C ARG A 41 -0.66 -17.32 -5.68
N GLY A 42 0.48 -17.22 -5.00
CA GLY A 42 1.76 -17.50 -5.62
C GLY A 42 2.28 -16.41 -6.51
N ARG A 43 2.13 -15.15 -6.11
CA ARG A 43 2.62 -14.02 -6.88
C ARG A 43 3.37 -13.07 -5.96
N GLN A 44 4.46 -12.51 -6.48
CA GLN A 44 5.27 -11.57 -5.71
C GLN A 44 5.99 -10.62 -6.66
N LYS A 45 6.37 -9.46 -6.13
CA LYS A 45 7.05 -8.44 -6.91
C LYS A 45 7.76 -7.51 -5.94
N VAL A 46 8.90 -6.97 -6.38
CA VAL A 46 9.63 -5.97 -5.62
C VAL A 46 10.36 -5.07 -6.60
N VAL A 47 10.30 -3.77 -6.35
CA VAL A 47 10.96 -2.77 -7.19
C VAL A 47 11.91 -1.95 -6.34
N THR A 48 13.01 -1.53 -6.95
CA THR A 48 14.00 -0.69 -6.30
C THR A 48 13.72 0.77 -6.62
N LEU A 49 13.78 1.62 -5.60
CA LEU A 49 13.45 3.04 -5.74
C LEU A 49 14.57 3.89 -5.19
N THR A 50 14.79 5.03 -5.84
CA THR A 50 15.75 6.04 -5.38
C THR A 50 15.01 7.33 -5.08
N ASP A 51 15.62 8.15 -4.23
CA ASP A 51 15.05 9.44 -3.82
C ASP A 51 13.64 9.26 -3.27
N THR A 52 13.50 8.33 -2.33
CA THR A 52 12.22 7.97 -1.75
C THR A 52 12.31 8.02 -0.23
N THR A 53 11.14 7.96 0.41
CA THR A 53 11.02 7.93 1.86
C THR A 53 10.27 6.68 2.27
N ASN A 54 10.25 6.43 3.58
CA ASN A 54 9.57 5.25 4.11
C ASN A 54 8.07 5.33 3.82
N GLN A 55 7.48 6.50 3.95
CA GLN A 55 6.06 6.66 3.64
C GLN A 55 5.80 6.55 2.15
N LYS A 56 6.74 6.99 1.31
CA LYS A 56 6.56 6.88 -0.14
C LYS A 56 6.62 5.44 -0.60
N THR A 57 7.44 4.60 0.04
CA THR A 57 7.54 3.20 -0.36
C THR A 57 6.28 2.43 0.01
N GLU A 58 5.63 2.79 1.12
CA GLU A 58 4.38 2.13 1.50
C GLU A 58 3.26 2.46 0.53
N LEU A 59 3.18 3.72 0.10
CA LEU A 59 2.16 4.11 -0.87
C LEU A 59 2.44 3.49 -2.24
N GLN A 60 3.72 3.39 -2.61
CA GLN A 60 4.07 2.77 -3.88
C GLN A 60 3.74 1.28 -3.89
N ALA A 61 3.87 0.61 -2.74
CA ALA A 61 3.51 -0.80 -2.67
C ALA A 61 2.01 -1.00 -2.87
N ILE A 62 1.20 -0.09 -2.34
CA ILE A 62 -0.24 -0.17 -2.57
C ILE A 62 -0.55 0.11 -4.04
N TYR A 63 0.15 1.06 -4.65
CA TYR A 63 -0.06 1.36 -6.06
C TYR A 63 0.24 0.14 -6.93
N LEU A 64 1.32 -0.58 -6.61
CA LEU A 64 1.67 -1.78 -7.37
C LEU A 64 0.61 -2.86 -7.21
N ALA A 65 0.07 -3.02 -6.00
CA ALA A 65 -0.98 -4.01 -5.78
C ALA A 65 -2.26 -3.63 -6.53
N LEU A 66 -2.52 -2.33 -6.70
CA LEU A 66 -3.72 -1.91 -7.42
C LEU A 66 -3.59 -2.17 -8.91
N GLN A 67 -2.43 -1.88 -9.49
CA GLN A 67 -2.24 -2.03 -10.92
C GLN A 67 -2.07 -3.49 -11.35
N ASP A 68 -1.73 -4.38 -10.42
CA ASP A 68 -1.45 -5.78 -10.75
C ASP A 68 -2.59 -6.72 -10.36
N SER A 69 -3.67 -6.19 -9.79
CA SER A 69 -4.78 -7.02 -9.33
C SER A 69 -5.99 -6.84 -10.24
N GLY A 70 -7.00 -7.67 -9.99
CA GLY A 70 -8.24 -7.60 -10.72
C GLY A 70 -9.17 -6.55 -10.17
N LEU A 71 -10.46 -6.69 -10.52
CA LEU A 71 -11.45 -5.70 -10.09
C LEU A 71 -11.72 -5.78 -8.59
N GLU A 72 -11.52 -6.96 -7.98
CA GLU A 72 -11.68 -7.15 -6.56
C GLU A 72 -10.34 -7.54 -5.96
N VAL A 73 -9.90 -6.80 -4.95
CA VAL A 73 -8.58 -6.99 -4.36
C VAL A 73 -8.64 -6.76 -2.86
N ASN A 74 -7.95 -7.60 -2.11
CA ASN A 74 -7.72 -7.42 -0.69
C ASN A 74 -6.27 -6.99 -0.50
N ILE A 75 -6.06 -5.91 0.25
CA ILE A 75 -4.72 -5.37 0.48
C ILE A 75 -4.50 -5.26 1.98
N VAL A 76 -3.42 -5.87 2.46
CA VAL A 76 -3.03 -5.81 3.86
C VAL A 76 -1.72 -5.03 3.95
N THR A 77 -1.78 -3.87 4.60
CA THR A 77 -0.61 -3.04 4.82
C THR A 77 -0.36 -2.89 6.31
N ASP A 78 0.89 -2.62 6.65
CA ASP A 78 1.24 -2.24 8.01
C ASP A 78 1.28 -0.72 8.19
N SER A 79 0.89 0.03 7.16
CA SER A 79 1.05 1.47 7.12
C SER A 79 -0.23 2.18 7.55
N GLN A 80 -0.23 2.72 8.78
CA GLN A 80 -1.36 3.54 9.23
C GLN A 80 -1.46 4.85 8.46
N TYR A 81 -0.32 5.44 8.09
CA TYR A 81 -0.34 6.64 7.25
C TYR A 81 -0.99 6.35 5.91
N ALA A 82 -0.51 5.31 5.22
CA ALA A 82 -1.02 4.99 3.89
C ALA A 82 -2.51 4.67 3.94
N LEU A 83 -2.93 3.86 4.90
CA LEU A 83 -4.36 3.58 5.05
C LEU A 83 -5.12 4.84 5.46
N GLY A 84 -4.51 5.67 6.31
CA GLY A 84 -5.19 6.88 6.75
C GLY A 84 -5.34 7.91 5.65
N ILE A 85 -4.24 8.23 4.97
CA ILE A 85 -4.29 9.26 3.93
C ILE A 85 -5.13 8.84 2.73
N ILE A 86 -5.32 7.53 2.54
CA ILE A 86 -6.15 7.07 1.44
C ILE A 86 -7.62 7.07 1.84
N THR A 87 -7.92 6.62 3.07
CA THR A 87 -9.30 6.58 3.53
C THR A 87 -9.86 7.98 3.74
N GLN A 88 -9.05 8.89 4.28
CA GLN A 88 -9.51 10.26 4.47
C GLN A 88 -9.79 10.95 3.14
N TRP A 89 -9.01 10.64 2.10
CA TRP A 89 -9.30 11.18 0.77
C TRP A 89 -10.65 10.71 0.27
N ILE A 90 -10.99 9.44 0.54
CA ILE A 90 -12.25 8.89 0.05
C ILE A 90 -13.43 9.50 0.82
N HIS A 91 -13.28 9.66 2.13
CA HIS A 91 -14.38 10.15 2.95
C HIS A 91 -14.64 11.65 2.80
N ASN A 92 -13.65 12.41 2.31
CA ASN A 92 -13.75 13.86 2.32
C ASN A 92 -13.71 14.47 0.92
N TRP A 93 -14.04 13.70 -0.12
CA TRP A 93 -14.10 14.26 -1.45
C TRP A 93 -15.37 15.05 -1.65
N LYS A 94 -15.27 16.18 -2.35
CA LYS A 94 -16.38 17.08 -2.60
C LYS A 94 -17.01 17.58 -1.31
N LYS A 95 -16.21 17.69 -0.26
CA LYS A 95 -16.65 18.20 1.03
C LYS A 95 -16.01 19.56 1.30
N ARG A 96 -16.60 20.29 2.25
CA ARG A 96 -16.22 21.67 2.52
C ARG A 96 -14.77 21.77 3.03
N GLY A 97 -14.55 21.38 4.28
CA GLY A 97 -13.27 21.62 4.93
C GLY A 97 -12.17 20.67 4.54
N TRP A 98 -12.10 20.29 3.27
CA TRP A 98 -11.11 19.36 2.78
C TRP A 98 -10.00 20.13 2.06
N LYS A 99 -8.75 19.80 2.38
CA LYS A 99 -7.58 20.40 1.75
C LYS A 99 -6.54 19.31 1.54
N THR A 100 -6.09 19.14 0.31
CA THR A 100 -5.18 18.05 -0.02
C THR A 100 -3.80 18.31 0.59
N PRO A 101 -3.20 17.32 1.27
CA PRO A 101 -1.85 17.53 1.80
C PRO A 101 -0.81 17.54 0.69
N VAL A 102 0.15 18.46 0.82
CA VAL A 102 1.24 18.54 -0.15
C VAL A 102 2.21 17.38 0.00
N LYS A 103 2.15 16.66 1.13
CA LYS A 103 3.02 15.52 1.37
C LYS A 103 2.60 14.36 0.49
N ASN A 104 3.43 14.03 -0.51
CA ASN A 104 3.15 12.96 -1.46
C ASN A 104 1.82 13.17 -2.16
N VAL A 105 1.56 14.41 -2.57
CA VAL A 105 0.30 14.72 -3.23
C VAL A 105 0.18 13.99 -4.57
N ASP A 106 1.29 13.86 -5.28
CA ASP A 106 1.25 13.21 -6.59
C ASP A 106 1.02 11.71 -6.46
N LEU A 107 1.75 11.06 -5.55
CA LEU A 107 1.65 9.60 -5.42
C LEU A 107 0.26 9.17 -4.96
N VAL A 108 -0.32 9.89 -4.00
CA VAL A 108 -1.66 9.53 -3.53
C VAL A 108 -2.70 9.77 -4.62
N ASN A 109 -2.48 10.76 -5.48
CA ASN A 109 -3.43 11.03 -6.56
C ASN A 109 -3.46 9.88 -7.57
N GLN A 110 -2.30 9.27 -7.85
CA GLN A 110 -2.28 8.14 -8.77
C GLN A 110 -2.91 6.91 -8.16
N ILE A 111 -2.91 6.80 -6.83
CA ILE A 111 -3.55 5.66 -6.17
C ILE A 111 -5.07 5.79 -6.25
N ILE A 112 -5.59 7.01 -6.05
CA ILE A 112 -7.04 7.22 -6.12
C ILE A 112 -7.56 6.93 -7.51
N GLU A 113 -6.80 7.30 -8.55
CA GLU A 113 -7.20 7.00 -9.91
C GLU A 113 -7.29 5.50 -10.17
N GLN A 114 -6.42 4.72 -9.53
CA GLN A 114 -6.50 3.26 -9.64
C GLN A 114 -7.58 2.70 -8.73
N LEU A 115 -7.88 3.37 -7.62
CA LEU A 115 -8.91 2.90 -6.70
C LEU A 115 -10.29 2.96 -7.34
N ILE A 116 -10.56 4.02 -8.11
CA ILE A 116 -11.87 4.16 -8.75
C ILE A 116 -12.08 3.09 -9.81
N LYS A 117 -11.01 2.70 -10.51
CA LYS A 117 -11.13 1.70 -11.56
C LYS A 117 -11.58 0.34 -11.02
N LYS A 118 -11.39 0.08 -9.73
CA LYS A 118 -11.82 -1.18 -9.14
C LYS A 118 -13.30 -1.14 -8.79
N GLU A 119 -13.84 -2.31 -8.46
CA GLU A 119 -15.22 -2.43 -8.01
C GLU A 119 -15.35 -2.75 -6.54
N LYS A 120 -14.37 -3.45 -5.96
CA LYS A 120 -14.39 -3.80 -4.54
C LYS A 120 -12.96 -3.78 -4.03
N VAL A 121 -12.67 -2.93 -3.06
CA VAL A 121 -11.34 -2.80 -2.48
C VAL A 121 -11.47 -2.88 -0.96
N TYR A 122 -10.66 -3.74 -0.35
CA TYR A 122 -10.59 -3.88 1.11
C TYR A 122 -9.20 -3.48 1.57
N LEU A 123 -9.13 -2.40 2.33
CA LEU A 123 -7.87 -1.88 2.86
C LEU A 123 -7.87 -2.07 4.37
N ALA A 124 -6.85 -2.78 4.89
CA ALA A 124 -6.76 -3.06 6.30
C ALA A 124 -5.33 -2.84 6.77
N TRP A 125 -5.19 -2.45 8.04
CA TRP A 125 -3.89 -2.25 8.67
C TRP A 125 -3.65 -3.34 9.70
N VAL A 126 -2.46 -3.92 9.67
CA VAL A 126 -2.02 -4.85 10.71
C VAL A 126 -0.66 -4.36 11.21
N PRO A 127 -0.36 -4.52 12.50
CA PRO A 127 0.97 -4.13 12.97
C PRO A 127 2.04 -5.07 12.45
N ALA A 128 3.22 -4.52 12.17
CA ALA A 128 4.34 -5.31 11.68
C ALA A 128 4.77 -6.33 12.72
N HIS A 129 4.59 -7.62 12.42
CA HIS A 129 4.77 -8.65 13.42
C HIS A 129 5.77 -9.69 12.93
N LYS A 130 6.22 -10.51 13.88
CA LYS A 130 7.13 -11.62 13.58
C LYS A 130 6.34 -12.89 13.35
N GLY A 131 6.71 -13.62 12.29
CA GLY A 131 6.04 -14.87 11.98
C GLY A 131 6.40 -15.36 10.60
N ILE A 132 5.47 -16.12 10.00
CA ILE A 132 5.68 -16.70 8.69
C ILE A 132 4.52 -16.34 7.78
N GLY A 133 3.70 -15.39 8.21
CA GLY A 133 2.55 -14.95 7.44
C GLY A 133 2.94 -14.04 6.29
N GLY A 134 1.91 -13.53 5.62
CA GLY A 134 2.14 -12.74 4.41
C GLY A 134 2.92 -11.46 4.66
N ASN A 135 2.57 -10.74 5.72
CA ASN A 135 3.26 -9.48 6.02
C ASN A 135 4.73 -9.71 6.34
N GLU A 136 5.08 -10.89 6.85
CA GLU A 136 6.45 -11.18 7.21
C GLU A 136 7.32 -11.52 5.99
N GLN A 137 6.71 -12.06 4.93
CA GLN A 137 7.48 -12.40 3.74
C GLN A 137 7.84 -11.15 2.93
N VAL A 138 6.85 -10.30 2.64
CA VAL A 138 7.12 -9.05 1.96
C VAL A 138 7.99 -8.13 2.82
N ASP A 139 8.01 -8.36 4.13
CA ASP A 139 8.88 -7.58 5.00
C ASP A 139 10.35 -7.81 4.67
N LYS A 140 10.75 -9.08 4.57
CA LYS A 140 12.15 -9.39 4.28
C LYS A 140 12.54 -8.99 2.86
N LEU A 141 11.57 -8.96 1.94
CA LEU A 141 11.90 -8.63 0.56
C LEU A 141 12.23 -7.16 0.40
N VAL A 142 11.46 -6.27 1.04
CA VAL A 142 11.70 -4.84 0.91
C VAL A 142 12.80 -4.34 1.82
N SER A 143 13.09 -5.05 2.91
CA SER A 143 14.12 -4.64 3.86
C SER A 143 15.50 -5.16 3.49
N ALA A 144 15.60 -6.08 2.54
CA ALA A 144 16.88 -6.64 2.15
C ALA A 144 17.75 -5.55 1.53
N GLY A 145 18.92 -5.30 2.15
CA GLY A 145 19.81 -4.27 1.68
C GLY A 145 19.39 -2.86 2.02
N ILE A 146 18.32 -2.68 2.79
CA ILE A 146 17.81 -1.37 3.17
C ILE A 146 17.93 -1.15 4.68
N ARG A 147 17.49 -2.12 5.47
CA ARG A 147 17.56 -2.00 6.92
C ARG A 147 17.85 -3.38 7.52
N LYS A 148 18.41 -3.36 8.72
CA LYS A 148 18.70 -4.60 9.44
C LYS A 148 17.46 -5.05 10.20
N VAL A 149 17.08 -6.32 10.03
CA VAL A 149 15.90 -6.86 10.68
C VAL A 149 16.30 -7.94 11.69
MN MN B . 7.55 -4.57 7.42
MN MN C . 5.76 -1.48 6.14
CAA VA9 D . 3.72 2.64 10.90
CAB VA9 D . 3.42 2.22 9.61
CAC VA9 D . 4.08 1.22 8.94
CAD VA9 D . 5.11 0.59 9.58
CAE VA9 D . 5.51 0.95 10.88
CAF VA9 D . 4.78 1.98 11.61
CAG VA9 D . 5.71 -0.40 8.82
CAH VA9 D . 6.76 -1.13 9.34
CAI VA9 D . 7.19 -0.83 10.61
CAJ VA9 D . 6.58 0.16 11.37
CAK VA9 D . 7.43 -2.15 8.66
CAL VA9 D . 8.45 -2.88 9.26
CAM VA9 D . 8.99 -2.52 10.49
CAN VA9 D . 8.22 -1.55 11.16
CAQ VA9 D . 5.14 2.42 12.91
CAT VA9 D . 2.83 3.69 11.26
CBA VA9 D . 9.99 -3.23 11.18
CBB VA9 D . 10.35 -4.54 10.85
CBC VA9 D . 11.38 -5.21 11.49
CBD VA9 D . 12.20 -4.54 12.38
CBE VA9 D . 11.94 -3.20 12.67
CBF VA9 D . 10.89 -2.56 12.04
CBG VA9 D . 11.59 -6.55 11.19
CBH VA9 D . 10.63 -7.38 12.07
CBJ VA9 D . 10.15 -6.35 14.24
CBL VA9 D . 8.80 -5.90 13.65
NBI VA9 D . 10.97 -7.04 13.46
OAO VA9 D . 8.57 -1.18 12.42
OAP VA9 D . 7.07 0.30 12.49
OAR VA9 D . 4.44 3.19 13.57
OAS VA9 D . 6.27 2.27 13.36
OAU VA9 D . 2.81 4.29 12.34
OAV VA9 D . 1.94 4.04 10.44
OAW VA9 D . 2.49 2.81 8.95
OAX VA9 D . 5.29 -0.63 7.71
OAY VA9 D . 7.05 -2.48 7.40
OAZ VA9 D . 9.06 -3.81 8.48
OBK VA9 D . 10.48 -6.03 15.36
OBM VA9 D . 10.67 -1.25 12.32
ZN ZN E . 1.48 -12.16 9.42
ZN ZN F . -16.66 -8.92 -8.96
#